data_7TLV
#
_entry.id   7TLV
#
_cell.length_a   145.170
_cell.length_b   145.170
_cell.length_c   79.090
_cell.angle_alpha   90.000
_cell.angle_beta   90.000
_cell.angle_gamma   120.000
#
_symmetry.space_group_name_H-M   'H 3 2'
#
loop_
_entity.id
_entity.type
_entity.pdbx_description
1 polymer 'Periplasmic protein'
2 water water
#
_entity_poly.entity_id   1
_entity_poly.type   'polypeptide(L)'
_entity_poly.pdbx_seq_one_letter_code
;GTEWKQGTEAAAVRSGDKVFFAGDSL(MSE)QGVAPFVQKSLKQQYGIESANLSKQSTGLSYPSFFDWPKTIEETLKKHP
EISVLAVFLGPNDPWDFPVGKRYLKFASDEWAQEYLKRVDRILEAAHTHRVQVVWLGIPY(MSE)KKVKLDGQ(MSE)RY
LDKLLSEHLKGKIILIPTAQTLSGGKGRYTDSVNVNGKPVRYRSKDGIHFTAEGQKLLAEKI(MSE)EKIVFEPSTQPSS
TQP
;
_entity_poly.pdbx_strand_id   A
#
# COMPACT_ATOMS: atom_id res chain seq x y z
N TRP A 4 -2.73 -16.67 11.27
CA TRP A 4 -1.36 -16.19 11.45
C TRP A 4 -1.35 -14.70 11.75
N LYS A 5 -0.57 -14.32 12.75
CA LYS A 5 -0.52 -12.95 13.27
C LYS A 5 0.83 -12.33 12.91
N GLN A 6 0.83 -11.47 11.90
CA GLN A 6 2.04 -10.76 11.53
C GLN A 6 2.36 -9.68 12.57
N GLY A 7 3.55 -9.11 12.47
CA GLY A 7 3.83 -7.91 13.23
C GLY A 7 2.99 -6.74 12.73
N THR A 8 2.57 -5.87 13.64
CA THR A 8 1.76 -4.72 13.28
C THR A 8 2.53 -3.41 13.31
N GLU A 9 3.78 -3.44 13.75
CA GLU A 9 4.61 -2.23 13.79
C GLU A 9 5.65 -2.19 12.68
N ALA A 10 6.18 -3.34 12.27
CA ALA A 10 7.19 -3.40 11.23
C ALA A 10 7.31 -4.83 10.73
N ALA A 11 7.94 -4.98 9.58
CA ALA A 11 8.14 -6.28 8.94
C ALA A 11 9.62 -6.63 8.94
N ALA A 12 9.93 -7.87 9.27
CA ALA A 12 11.30 -8.36 9.28
C ALA A 12 11.63 -9.03 7.96
N VAL A 13 12.82 -8.75 7.43
CA VAL A 13 13.30 -9.39 6.22
C VAL A 13 14.68 -9.99 6.46
N ARG A 14 14.93 -11.09 5.79
CA ARG A 14 16.22 -11.77 5.83
C ARG A 14 16.78 -11.87 4.41
N SER A 15 18.10 -12.07 4.32
CA SER A 15 18.73 -12.34 3.03
CA SER A 15 18.72 -12.33 3.03
C SER A 15 18.02 -13.49 2.33
N GLY A 16 17.72 -13.29 1.05
CA GLY A 16 16.97 -14.23 0.28
C GLY A 16 15.49 -13.92 0.20
N ASP A 17 14.98 -13.07 1.09
CA ASP A 17 13.59 -12.63 0.99
C ASP A 17 13.42 -11.67 -0.19
N LYS A 18 12.20 -11.62 -0.71
CA LYS A 18 11.80 -10.55 -1.62
C LYS A 18 10.66 -9.75 -1.03
N VAL A 19 10.61 -8.46 -1.42
CA VAL A 19 9.50 -7.57 -1.11
C VAL A 19 8.69 -7.35 -2.39
N PHE A 20 7.37 -7.45 -2.27
CA PHE A 20 6.42 -7.44 -3.38
C PHE A 20 5.58 -6.17 -3.25
N PHE A 21 5.60 -5.32 -4.28
CA PHE A 21 4.86 -4.06 -4.30
C PHE A 21 3.65 -4.17 -5.21
N ALA A 22 2.49 -3.78 -4.70
CA ALA A 22 1.22 -3.86 -5.42
C ALA A 22 0.45 -2.55 -5.32
N GLY A 23 -0.38 -2.28 -6.32
CA GLY A 23 -1.21 -1.10 -6.27
C GLY A 23 -1.29 -0.42 -7.62
N ASP A 24 -1.67 0.87 -7.60
CA ASP A 24 -1.91 1.64 -8.81
C ASP A 24 -0.76 2.65 -9.00
N SER A 25 -1.05 3.77 -9.67
CA SER A 25 0.00 4.75 -9.94
CA SER A 25 0.08 4.72 -9.89
C SER A 25 0.52 5.41 -8.67
N LEU A 26 -0.23 5.35 -7.57
CA LEU A 26 0.32 5.85 -6.31
C LEU A 26 1.55 5.03 -5.91
N MSE A 27 1.49 3.73 -6.14
CA MSE A 27 2.60 2.87 -5.81
C MSE A 27 3.71 2.94 -6.85
O MSE A 27 4.89 2.79 -6.54
CB MSE A 27 2.14 1.44 -5.62
CG MSE A 27 3.28 0.48 -5.20
SE MSE A 27 4.16 1.03 -3.53
CE MSE A 27 3.21 -0.18 -2.39
N GLN A 28 3.32 3.15 -8.11
CA GLN A 28 4.27 3.05 -9.21
C GLN A 28 5.46 4.00 -9.04
N GLY A 29 5.22 5.21 -8.56
CA GLY A 29 6.31 6.15 -8.40
C GLY A 29 7.10 5.96 -7.13
N VAL A 30 6.53 5.27 -6.15
CA VAL A 30 7.17 5.11 -4.85
C VAL A 30 8.04 3.86 -4.81
N ALA A 31 7.49 2.75 -5.29
CA ALA A 31 8.18 1.46 -5.20
C ALA A 31 9.61 1.47 -5.71
N PRO A 32 9.96 2.09 -6.86
CA PRO A 32 11.35 2.03 -7.32
C PRO A 32 12.36 2.58 -6.32
N PHE A 33 12.00 3.59 -5.53
CA PHE A 33 12.93 4.07 -4.52
C PHE A 33 13.11 3.05 -3.41
N VAL A 34 12.03 2.38 -3.01
CA VAL A 34 12.16 1.35 -1.98
C VAL A 34 12.99 0.19 -2.51
N GLN A 35 12.76 -0.19 -3.78
CA GLN A 35 13.52 -1.30 -4.36
C GLN A 35 15.01 -1.01 -4.35
N LYS A 36 15.39 0.22 -4.71
CA LYS A 36 16.81 0.59 -4.70
C LYS A 36 17.37 0.55 -3.29
N SER A 37 16.62 1.05 -2.31
CA SER A 37 17.08 1.07 -0.93
C SER A 37 17.23 -0.35 -0.38
N LEU A 38 16.24 -1.21 -0.64
CA LEU A 38 16.34 -2.60 -0.20
C LEU A 38 17.58 -3.27 -0.77
N LYS A 39 17.85 -3.05 -2.05
CA LYS A 39 18.99 -3.70 -2.70
C LYS A 39 20.31 -3.17 -2.17
N GLN A 40 20.43 -1.84 -2.07
CA GLN A 40 21.72 -1.26 -1.69
C GLN A 40 22.00 -1.38 -0.20
N GLN A 41 20.97 -1.33 0.65
CA GLN A 41 21.18 -1.41 2.09
C GLN A 41 21.29 -2.85 2.58
N TYR A 42 20.51 -3.76 2.00
CA TYR A 42 20.39 -5.11 2.52
C TYR A 42 20.63 -6.22 1.53
N GLY A 43 20.80 -5.90 0.24
CA GLY A 43 20.89 -6.93 -0.77
C GLY A 43 19.59 -7.64 -1.06
N ILE A 44 18.46 -7.07 -0.66
CA ILE A 44 17.17 -7.72 -0.80
C ILE A 44 16.55 -7.33 -2.12
N GLU A 45 16.09 -8.33 -2.87
CA GLU A 45 15.48 -8.14 -4.18
C GLU A 45 13.98 -7.91 -4.02
N SER A 46 13.34 -7.48 -5.11
CA SER A 46 11.94 -7.10 -5.01
C SER A 46 11.24 -7.31 -6.34
N ALA A 47 9.90 -7.32 -6.28
CA ALA A 47 9.04 -7.39 -7.45
C ALA A 47 8.05 -6.23 -7.35
N ASN A 48 8.00 -5.41 -8.38
CA ASN A 48 7.10 -4.26 -8.44
C ASN A 48 6.07 -4.54 -9.52
N LEU A 49 4.85 -4.90 -9.11
CA LEU A 49 3.79 -5.20 -10.06
C LEU A 49 2.75 -4.09 -10.12
N SER A 50 3.02 -2.93 -9.54
CA SER A 50 2.02 -1.86 -9.55
C SER A 50 1.67 -1.48 -10.98
N LYS A 51 0.41 -1.10 -11.19
CA LYS A 51 -0.12 -0.96 -12.52
C LYS A 51 -1.11 0.19 -12.55
N GLN A 52 -0.97 1.06 -13.54
CA GLN A 52 -1.83 2.24 -13.65
C GLN A 52 -3.28 1.82 -13.84
N SER A 53 -4.20 2.60 -13.25
CA SER A 53 -5.65 2.49 -13.40
C SER A 53 -6.26 1.33 -12.64
N THR A 54 -5.49 0.60 -11.83
CA THR A 54 -6.02 -0.56 -11.16
C THR A 54 -6.50 -0.22 -9.75
N GLY A 55 -7.21 -1.19 -9.16
CA GLY A 55 -7.71 -1.06 -7.81
C GLY A 55 -8.39 -2.35 -7.41
N LEU A 56 -9.21 -2.27 -6.36
CA LEU A 56 -9.99 -3.41 -5.91
C LEU A 56 -11.43 -3.40 -6.39
N SER A 57 -11.91 -2.27 -6.92
CA SER A 57 -13.32 -2.20 -7.32
C SER A 57 -13.60 -2.96 -8.60
N TYR A 58 -12.66 -3.01 -9.54
CA TYR A 58 -12.89 -3.63 -10.84
C TYR A 58 -11.83 -4.70 -11.13
N PRO A 59 -11.96 -5.87 -10.52
CA PRO A 59 -11.06 -6.98 -10.87
C PRO A 59 -11.19 -7.42 -12.31
N SER A 60 -12.31 -7.11 -12.97
CA SER A 60 -12.43 -7.46 -14.39
C SER A 60 -11.38 -6.73 -15.23
N PHE A 61 -10.96 -5.54 -14.79
CA PHE A 61 -9.89 -4.84 -15.47
C PHE A 61 -8.53 -5.41 -15.09
N PHE A 62 -8.29 -5.55 -13.78
CA PHE A 62 -7.07 -6.19 -13.28
C PHE A 62 -7.40 -6.70 -11.89
N ASP A 63 -7.19 -7.99 -11.65
CA ASP A 63 -7.64 -8.66 -10.44
C ASP A 63 -6.47 -8.69 -9.46
N TRP A 64 -6.46 -7.72 -8.54
CA TRP A 64 -5.34 -7.68 -7.59
C TRP A 64 -5.38 -8.85 -6.62
N PRO A 65 -6.51 -9.23 -6.00
CA PRO A 65 -6.46 -10.40 -5.11
C PRO A 65 -5.97 -11.66 -5.81
N LYS A 66 -6.43 -11.93 -7.02
CA LYS A 66 -5.98 -13.12 -7.75
C LYS A 66 -4.50 -13.01 -8.10
N THR A 67 -4.07 -11.84 -8.57
CA THR A 67 -2.67 -11.62 -8.89
C THR A 67 -1.79 -11.87 -7.67
N ILE A 68 -2.23 -11.39 -6.51
CA ILE A 68 -1.41 -11.58 -5.32
C ILE A 68 -1.35 -13.05 -4.94
N GLU A 69 -2.48 -13.76 -5.01
CA GLU A 69 -2.47 -15.20 -4.73
C GLU A 69 -1.50 -15.93 -5.65
N GLU A 70 -1.55 -15.62 -6.95
CA GLU A 70 -0.71 -16.33 -7.91
C GLU A 70 0.76 -15.96 -7.76
N THR A 71 1.04 -14.71 -7.40
CA THR A 71 2.43 -14.29 -7.25
C THR A 71 3.08 -14.93 -6.03
N LEU A 72 2.33 -15.01 -4.92
CA LEU A 72 2.88 -15.65 -3.73
C LEU A 72 3.09 -17.14 -3.94
N LYS A 73 2.21 -17.77 -4.72
CA LYS A 73 2.42 -19.18 -5.06
C LYS A 73 3.69 -19.38 -5.87
N LYS A 74 3.93 -18.50 -6.85
CA LYS A 74 5.11 -18.65 -7.70
C LYS A 74 6.38 -18.26 -6.97
N HIS A 75 6.29 -17.38 -5.97
CA HIS A 75 7.46 -16.84 -5.29
C HIS A 75 7.32 -17.00 -3.78
N PRO A 76 7.57 -18.20 -3.26
CA PRO A 76 7.52 -18.40 -1.81
C PRO A 76 8.55 -17.60 -1.04
N GLU A 77 9.56 -17.05 -1.72
CA GLU A 77 10.57 -16.22 -1.07
C GLU A 77 10.07 -14.83 -0.73
N ILE A 78 8.91 -14.42 -1.24
CA ILE A 78 8.33 -13.15 -0.83
C ILE A 78 7.93 -13.22 0.64
N SER A 79 8.43 -12.28 1.45
CA SER A 79 8.05 -12.22 2.84
C SER A 79 7.31 -10.94 3.22
N VAL A 80 7.21 -9.97 2.31
CA VAL A 80 6.56 -8.69 2.57
C VAL A 80 5.78 -8.31 1.32
N LEU A 81 4.53 -7.87 1.53
CA LEU A 81 3.65 -7.35 0.50
C LEU A 81 3.29 -5.94 0.89
N ALA A 82 3.64 -4.97 0.05
CA ALA A 82 3.29 -3.57 0.29
C ALA A 82 2.25 -3.13 -0.72
N VAL A 83 1.22 -2.42 -0.26
CA VAL A 83 0.04 -2.09 -1.06
C VAL A 83 -0.26 -0.60 -0.97
N PHE A 84 -0.59 0.02 -2.11
CA PHE A 84 -0.89 1.45 -2.15
C PHE A 84 -1.82 1.68 -3.34
N LEU A 85 -3.07 2.04 -3.09
CA LEU A 85 -4.09 2.19 -4.14
C LEU A 85 -5.23 3.04 -3.58
N GLY A 86 -6.25 3.25 -4.40
CA GLY A 86 -7.45 3.92 -3.94
C GLY A 86 -8.14 4.82 -4.95
N PRO A 87 -7.41 5.70 -5.63
CA PRO A 87 -8.07 6.70 -6.49
C PRO A 87 -8.87 6.15 -7.65
N ASN A 88 -8.63 4.91 -8.10
CA ASN A 88 -9.43 4.35 -9.18
C ASN A 88 -10.66 3.59 -8.67
N ASP A 89 -10.89 3.55 -7.37
CA ASP A 89 -11.93 2.70 -6.80
C ASP A 89 -13.24 3.36 -6.37
N PRO A 90 -13.40 4.74 -6.36
CA PRO A 90 -14.66 5.27 -5.78
C PRO A 90 -15.83 5.28 -6.76
N TRP A 91 -16.24 4.07 -7.15
CA TRP A 91 -17.25 3.88 -8.18
C TRP A 91 -18.18 2.75 -7.78
N ASP A 92 -19.45 2.85 -8.22
CA ASP A 92 -20.32 1.68 -8.20
C ASP A 92 -19.63 0.52 -8.91
N PHE A 93 -19.95 -0.70 -8.50
CA PHE A 93 -19.40 -1.83 -9.24
C PHE A 93 -20.30 -3.05 -9.11
N PRO A 94 -20.27 -3.94 -10.09
CA PRO A 94 -21.08 -5.17 -10.01
C PRO A 94 -20.37 -6.27 -9.23
N VAL A 95 -21.18 -7.12 -8.62
CA VAL A 95 -20.70 -8.35 -7.98
C VAL A 95 -21.69 -9.45 -8.34
N GLY A 96 -21.26 -10.41 -9.15
CA GLY A 96 -22.17 -11.41 -9.66
C GLY A 96 -23.40 -10.78 -10.28
N LYS A 97 -24.57 -11.04 -9.71
CA LYS A 97 -25.80 -10.48 -10.24
C LYS A 97 -26.20 -9.17 -9.57
N ARG A 98 -25.41 -8.69 -8.61
CA ARG A 98 -25.73 -7.48 -7.88
C ARG A 98 -24.99 -6.29 -8.49
N TYR A 99 -25.54 -5.10 -8.25
CA TYR A 99 -24.89 -3.85 -8.65
C TYR A 99 -24.82 -2.94 -7.42
N LEU A 100 -23.62 -2.73 -6.90
CA LEU A 100 -23.43 -2.06 -5.63
C LEU A 100 -23.05 -0.60 -5.81
N LYS A 101 -23.68 0.27 -5.02
CA LYS A 101 -23.50 1.72 -5.15
C LYS A 101 -22.42 2.21 -4.20
N PHE A 102 -21.54 3.07 -4.71
CA PHE A 102 -20.38 3.53 -3.95
C PHE A 102 -20.76 4.00 -2.54
N ALA A 103 -20.02 3.50 -1.55
CA ALA A 103 -20.12 3.86 -0.14
C ALA A 103 -21.41 3.40 0.53
N SER A 104 -22.22 2.58 -0.13
CA SER A 104 -23.30 1.91 0.58
C SER A 104 -22.73 0.83 1.51
N ASP A 105 -23.55 0.40 2.46
CA ASP A 105 -23.11 -0.66 3.38
C ASP A 105 -22.70 -1.90 2.61
N GLU A 106 -23.45 -2.27 1.58
CA GLU A 106 -23.13 -3.49 0.84
C GLU A 106 -21.88 -3.31 -0.01
N TRP A 107 -21.71 -2.13 -0.61
CA TRP A 107 -20.47 -1.80 -1.32
C TRP A 107 -19.27 -1.95 -0.41
N ALA A 108 -19.36 -1.36 0.79
CA ALA A 108 -18.24 -1.40 1.73
C ALA A 108 -17.94 -2.83 2.16
N GLN A 109 -19.00 -3.62 2.41
CA GLN A 109 -18.80 -5.01 2.82
C GLN A 109 -18.07 -5.79 1.74
N GLU A 110 -18.43 -5.59 0.47
CA GLU A 110 -17.75 -6.32 -0.59
C GLU A 110 -16.32 -5.81 -0.78
N TYR A 111 -16.12 -4.50 -0.68
CA TYR A 111 -14.77 -3.95 -0.80
C TYR A 111 -13.85 -4.55 0.25
N LEU A 112 -14.34 -4.63 1.50
CA LEU A 112 -13.52 -5.18 2.56
C LEU A 112 -13.36 -6.69 2.45
N LYS A 113 -14.32 -7.39 1.84
CA LYS A 113 -14.12 -8.81 1.54
C LYS A 113 -12.95 -9.01 0.59
N ARG A 114 -12.79 -8.09 -0.37
CA ARG A 114 -11.66 -8.18 -1.29
C ARG A 114 -10.35 -7.87 -0.58
N VAL A 115 -10.36 -6.86 0.30
CA VAL A 115 -9.21 -6.60 1.17
C VAL A 115 -8.84 -7.84 1.96
N ASP A 116 -9.85 -8.49 2.56
CA ASP A 116 -9.58 -9.67 3.38
C ASP A 116 -9.02 -10.83 2.55
N ARG A 117 -9.43 -10.93 1.29
CA ARG A 117 -8.88 -11.98 0.43
C ARG A 117 -7.37 -11.79 0.26
N ILE A 118 -6.93 -10.55 0.10
CA ILE A 118 -5.50 -10.25 0.02
C ILE A 118 -4.80 -10.60 1.33
N LEU A 119 -5.42 -10.23 2.46
CA LEU A 119 -4.80 -10.52 3.75
C LEU A 119 -4.73 -12.02 3.99
N GLU A 120 -5.78 -12.75 3.60
CA GLU A 120 -5.77 -14.20 3.79
C GLU A 120 -4.69 -14.85 2.95
N ALA A 121 -4.50 -14.39 1.71
CA ALA A 121 -3.47 -14.97 0.86
C ALA A 121 -2.08 -14.73 1.43
N ALA A 122 -1.84 -13.51 1.91
CA ALA A 122 -0.55 -13.21 2.51
C ALA A 122 -0.34 -14.00 3.79
N HIS A 123 -1.34 -13.98 4.69
CA HIS A 123 -1.11 -14.53 6.02
C HIS A 123 -1.04 -16.06 6.00
N THR A 124 -1.79 -16.71 5.10
CA THR A 124 -1.65 -18.15 4.90
C THR A 124 -0.22 -18.53 4.59
N HIS A 125 0.51 -17.65 3.91
CA HIS A 125 1.89 -17.91 3.52
C HIS A 125 2.89 -17.13 4.35
N ARG A 126 2.49 -16.67 5.53
CA ARG A 126 3.39 -15.99 6.46
C ARG A 126 4.09 -14.81 5.79
N VAL A 127 3.32 -14.07 4.99
CA VAL A 127 3.78 -12.85 4.33
C VAL A 127 3.26 -11.66 5.12
N GLN A 128 4.15 -10.72 5.42
CA GLN A 128 3.82 -9.54 6.20
C GLN A 128 3.31 -8.42 5.30
N VAL A 129 2.12 -7.89 5.59
CA VAL A 129 1.46 -6.88 4.77
C VAL A 129 1.73 -5.49 5.33
N VAL A 130 2.09 -4.57 4.43
CA VAL A 130 2.23 -3.14 4.69
C VAL A 130 1.28 -2.42 3.75
N TRP A 131 0.43 -1.55 4.29
CA TRP A 131 -0.58 -0.90 3.46
C TRP A 131 -0.52 0.60 3.73
N LEU A 132 -0.40 1.40 2.68
CA LEU A 132 -0.25 2.84 2.84
C LEU A 132 -1.61 3.52 2.85
N GLY A 133 -1.75 4.48 3.76
CA GLY A 133 -2.94 5.29 3.78
C GLY A 133 -3.03 6.21 2.56
N ILE A 134 -4.26 6.60 2.24
CA ILE A 134 -4.51 7.38 1.03
C ILE A 134 -4.23 8.85 1.33
N PRO A 135 -3.52 9.56 0.44
CA PRO A 135 -3.22 10.98 0.71
C PRO A 135 -4.47 11.84 0.58
N TYR A 136 -4.34 13.07 1.06
CA TYR A 136 -5.33 14.09 0.71
C TYR A 136 -5.25 14.39 -0.78
N MSE A 137 -6.40 14.75 -1.36
CA MSE A 137 -6.48 15.07 -2.78
C MSE A 137 -6.86 16.53 -3.01
O MSE A 137 -7.58 17.11 -2.23
CB MSE A 137 -7.50 14.18 -3.48
CG MSE A 137 -7.24 12.68 -3.30
SE MSE A 137 -5.57 12.13 -4.21
CE MSE A 137 -5.26 10.40 -3.36
N LYS A 138 -6.35 17.11 -4.11
CA LYS A 138 -6.62 18.50 -4.41
C LYS A 138 -8.09 18.72 -4.76
N LYS A 139 -8.65 17.87 -5.61
CA LYS A 139 -10.05 18.03 -6.01
C LYS A 139 -10.96 17.65 -4.84
N VAL A 140 -11.99 18.47 -4.65
CA VAL A 140 -12.77 18.41 -3.42
C VAL A 140 -13.62 17.15 -3.35
N LYS A 141 -14.27 16.79 -4.45
CA LYS A 141 -15.13 15.62 -4.42
C LYS A 141 -14.30 14.35 -4.26
N LEU A 142 -13.22 14.24 -5.04
CA LEU A 142 -12.33 13.08 -4.90
C LEU A 142 -11.76 13.00 -3.48
N ASP A 143 -11.38 14.14 -2.91
CA ASP A 143 -10.83 14.11 -1.55
C ASP A 143 -11.85 13.57 -0.56
N GLY A 144 -13.13 13.93 -0.72
CA GLY A 144 -14.14 13.38 0.17
C GLY A 144 -14.29 11.89 0.01
N GLN A 145 -14.23 11.40 -1.24
CA GLN A 145 -14.30 9.96 -1.49
C GLN A 145 -13.12 9.23 -0.89
N MSE A 146 -11.93 9.80 -1.02
CA MSE A 146 -10.72 9.18 -0.52
C MSE A 146 -10.66 9.23 1.01
O MSE A 146 -10.16 8.30 1.62
CB MSE A 146 -9.49 9.85 -1.13
CG MSE A 146 -9.33 9.54 -2.62
SE MSE A 146 -9.25 7.62 -3.06
CE MSE A 146 -11.13 7.29 -3.52
N ARG A 147 -11.17 10.31 1.61
CA ARG A 147 -11.22 10.34 3.06
C ARG A 147 -12.18 9.27 3.59
N TYR A 148 -13.30 9.05 2.90
CA TYR A 148 -14.20 7.96 3.25
C TYR A 148 -13.49 6.61 3.13
N LEU A 149 -12.86 6.37 1.98
CA LEU A 149 -12.27 5.06 1.72
C LEU A 149 -11.09 4.81 2.64
N ASP A 150 -10.30 5.85 2.91
CA ASP A 150 -9.16 5.68 3.81
C ASP A 150 -9.61 5.29 5.21
N LYS A 151 -10.70 5.90 5.69
CA LYS A 151 -11.21 5.55 7.01
C LYS A 151 -11.84 4.16 7.01
N LEU A 152 -12.56 3.80 5.95
CA LEU A 152 -13.07 2.45 5.83
C LEU A 152 -11.94 1.43 5.93
N LEU A 153 -10.86 1.67 5.18
CA LEU A 153 -9.73 0.74 5.20
C LEU A 153 -9.03 0.76 6.56
N SER A 154 -8.75 1.94 7.09
CA SER A 154 -7.91 1.99 8.28
C SER A 154 -8.65 1.41 9.49
N GLU A 155 -9.94 1.70 9.61
CA GLU A 155 -10.72 1.12 10.71
C GLU A 155 -10.71 -0.40 10.65
N HIS A 156 -10.73 -0.96 9.45
CA HIS A 156 -10.73 -2.41 9.28
C HIS A 156 -9.33 -3.00 9.47
N LEU A 157 -8.31 -2.29 9.03
CA LEU A 157 -6.97 -2.87 8.97
C LEU A 157 -6.14 -2.63 10.23
N LYS A 158 -6.45 -1.62 11.03
CA LYS A 158 -5.64 -1.32 12.20
C LYS A 158 -5.65 -2.51 13.15
N GLY A 159 -4.45 -2.87 13.63
CA GLY A 159 -4.30 -4.04 14.47
C GLY A 159 -4.17 -5.35 13.74
N LYS A 160 -4.41 -5.39 12.43
CA LYS A 160 -4.23 -6.59 11.63
C LYS A 160 -2.95 -6.59 10.83
N ILE A 161 -2.50 -5.41 10.37
CA ILE A 161 -1.33 -5.32 9.50
C ILE A 161 -0.56 -4.07 9.85
N ILE A 162 0.47 -3.76 9.08
CA ILE A 162 1.27 -2.56 9.26
C ILE A 162 0.65 -1.48 8.40
N LEU A 163 0.27 -0.35 9.02
CA LEU A 163 -0.29 0.78 8.29
C LEU A 163 0.69 1.94 8.26
N ILE A 164 0.80 2.58 7.11
CA ILE A 164 1.61 3.79 6.96
C ILE A 164 0.71 4.91 6.46
N PRO A 165 0.20 5.75 7.35
CA PRO A 165 -0.53 6.94 6.88
C PRO A 165 0.37 7.81 6.01
N THR A 166 -0.23 8.44 4.99
CA THR A 166 0.52 9.38 4.16
C THR A 166 -0.06 10.79 4.11
N ALA A 167 -1.33 11.00 4.47
CA ALA A 167 -1.97 12.28 4.19
C ALA A 167 -1.31 13.43 4.95
N GLN A 168 -1.16 13.29 6.28
CA GLN A 168 -0.53 14.35 7.05
C GLN A 168 0.94 14.52 6.68
N THR A 169 1.66 13.41 6.46
CA THR A 169 3.07 13.52 6.12
C THR A 169 3.26 14.34 4.84
N LEU A 170 2.45 14.08 3.81
CA LEU A 170 2.62 14.77 2.54
C LEU A 170 2.14 16.22 2.60
N SER A 171 1.43 16.60 3.66
CA SER A 171 0.97 17.98 3.82
CA SER A 171 1.05 17.95 3.86
C SER A 171 1.60 18.66 5.02
N GLY A 172 2.63 18.06 5.61
CA GLY A 172 3.31 18.68 6.74
C GLY A 172 2.43 18.91 7.95
N GLY A 173 1.41 18.07 8.13
CA GLY A 173 0.54 18.16 9.29
C GLY A 173 -0.63 19.11 9.17
N LYS A 174 -0.87 19.69 7.99
CA LYS A 174 -1.89 20.72 7.84
C LYS A 174 -3.31 20.16 7.93
N GLY A 175 -3.49 18.85 7.78
CA GLY A 175 -4.83 18.28 7.82
C GLY A 175 -5.64 18.44 6.55
N ARG A 176 -5.04 18.94 5.49
CA ARG A 176 -5.71 19.14 4.22
C ARG A 176 -4.66 19.09 3.13
N TYR A 177 -5.12 18.93 1.89
CA TYR A 177 -4.21 18.94 0.75
C TYR A 177 -3.38 20.22 0.71
N THR A 178 -2.09 20.05 0.45
CA THR A 178 -1.20 21.14 0.11
C THR A 178 -0.32 20.67 -1.04
N ASP A 179 0.08 21.60 -1.89
CA ASP A 179 1.04 21.25 -2.92
C ASP A 179 2.44 21.11 -2.34
N SER A 180 2.79 21.98 -1.39
CA SER A 180 4.14 22.08 -0.88
C SER A 180 4.16 22.03 0.64
N VAL A 181 5.35 21.75 1.18
CA VAL A 181 5.59 21.62 2.61
C VAL A 181 6.91 22.31 2.91
N ASN A 182 6.99 22.96 4.07
CA ASN A 182 8.21 23.66 4.48
C ASN A 182 9.29 22.67 4.95
N LYS A 186 12.02 26.74 3.78
CA LYS A 186 12.07 26.39 2.37
C LYS A 186 10.90 25.51 1.93
N PRO A 187 10.13 26.01 0.96
CA PRO A 187 9.00 25.22 0.45
C PRO A 187 9.47 24.11 -0.48
N VAL A 188 8.92 22.92 -0.30
CA VAL A 188 9.24 21.75 -1.12
C VAL A 188 7.93 21.17 -1.63
N ARG A 189 7.83 21.00 -2.95
CA ARG A 189 6.63 20.46 -3.55
C ARG A 189 6.67 18.93 -3.51
N TYR A 190 5.67 18.33 -2.84
CA TYR A 190 5.57 16.88 -2.78
C TYR A 190 4.54 16.31 -3.75
N ARG A 191 3.62 17.12 -4.25
CA ARG A 191 2.52 16.63 -5.07
C ARG A 191 2.68 17.08 -6.51
N SER A 192 2.31 16.21 -7.43
CA SER A 192 2.37 16.51 -8.84
C SER A 192 1.23 17.46 -9.23
N LYS A 193 1.16 17.76 -10.52
CA LYS A 193 0.30 18.82 -11.01
C LYS A 193 -1.16 18.41 -10.99
N ASP A 194 -1.45 17.12 -11.19
CA ASP A 194 -2.82 16.64 -11.21
C ASP A 194 -3.47 16.63 -9.84
N GLY A 195 -2.76 17.02 -8.79
CA GLY A 195 -3.33 17.02 -7.45
C GLY A 195 -3.61 15.65 -6.88
N ILE A 196 -2.96 14.61 -7.40
CA ILE A 196 -3.20 13.24 -6.95
C ILE A 196 -1.88 12.57 -6.64
N HIS A 197 -0.93 12.64 -7.57
CA HIS A 197 0.30 11.89 -7.47
C HIS A 197 1.40 12.75 -6.85
N PHE A 198 2.65 12.36 -7.04
CA PHE A 198 3.76 12.91 -6.27
C PHE A 198 4.88 13.38 -7.19
N THR A 199 5.66 14.32 -6.67
CA THR A 199 6.95 14.65 -7.24
C THR A 199 7.97 13.59 -6.84
N ALA A 200 9.18 13.69 -7.41
CA ALA A 200 10.27 12.84 -6.95
C ALA A 200 10.51 13.00 -5.46
N GLU A 201 10.44 14.24 -4.94
CA GLU A 201 10.63 14.45 -3.51
C GLU A 201 9.52 13.80 -2.71
N GLY A 202 8.28 13.86 -3.21
CA GLY A 202 7.18 13.18 -2.53
C GLY A 202 7.34 11.67 -2.55
N GLN A 203 7.75 11.12 -3.69
CA GLN A 203 7.98 9.67 -3.80
C GLN A 203 9.09 9.23 -2.85
N LYS A 204 10.18 9.99 -2.79
CA LYS A 204 11.29 9.64 -1.89
C LYS A 204 10.84 9.69 -0.43
N LEU A 205 10.05 10.69 -0.05
CA LEU A 205 9.58 10.78 1.32
C LEU A 205 8.75 9.55 1.69
N LEU A 206 7.84 9.14 0.81
CA LEU A 206 7.01 7.98 1.12
C LEU A 206 7.84 6.70 1.12
N ALA A 207 8.83 6.61 0.24
CA ALA A 207 9.74 5.47 0.27
C ALA A 207 10.48 5.38 1.59
N GLU A 208 10.93 6.53 2.12
CA GLU A 208 11.56 6.53 3.43
C GLU A 208 10.61 6.05 4.51
N LYS A 209 9.33 6.41 4.41
CA LYS A 209 8.35 5.95 5.39
C LYS A 209 8.18 4.44 5.33
N ILE A 210 8.26 3.86 4.12
CA ILE A 210 8.16 2.42 3.99
C ILE A 210 9.38 1.75 4.59
N MSE A 211 10.56 2.29 4.32
CA MSE A 211 11.79 1.71 4.88
C MSE A 211 11.82 1.72 6.40
O MSE A 211 12.41 0.81 7.01
CB MSE A 211 13.02 2.43 4.33
CG MSE A 211 13.31 2.12 2.85
SE MSE A 211 13.56 0.23 2.39
CE MSE A 211 15.29 -0.04 3.24
N GLU A 212 11.18 2.71 7.03
CA GLU A 212 11.07 2.71 8.49
C GLU A 212 10.34 1.49 9.02
N LYS A 213 9.51 0.85 8.21
CA LYS A 213 8.74 -0.31 8.62
C LYS A 213 9.34 -1.62 8.17
N ILE A 214 10.55 -1.59 7.62
CA ILE A 214 11.22 -2.80 7.17
C ILE A 214 12.49 -2.96 7.99
N VAL A 215 12.62 -4.08 8.68
CA VAL A 215 13.72 -4.33 9.60
C VAL A 215 14.51 -5.51 9.06
N PHE A 216 15.77 -5.27 8.68
CA PHE A 216 16.63 -6.35 8.27
C PHE A 216 17.08 -7.15 9.49
N GLU A 217 17.02 -8.48 9.38
CA GLU A 217 17.46 -9.37 10.44
C GLU A 217 18.73 -10.06 10.00
N PRO A 218 19.86 -9.86 10.67
CA PRO A 218 21.07 -10.63 10.34
C PRO A 218 20.92 -12.08 10.75
N SER A 219 21.83 -12.91 10.26
CA SER A 219 21.72 -14.34 10.49
CA SER A 219 21.81 -14.38 10.54
C SER A 219 21.88 -14.70 11.97
N THR A 220 22.48 -13.82 12.78
CA THR A 220 22.64 -14.12 14.19
C THR A 220 21.49 -13.57 15.04
N GLN A 221 20.44 -13.06 14.40
CA GLN A 221 19.22 -12.70 15.11
C GLN A 221 18.08 -13.61 14.67
N PRO A 222 17.16 -13.99 15.58
CA PRO A 222 17.18 -13.66 17.01
C PRO A 222 18.27 -14.42 17.75
N SER A 223 18.62 -13.95 18.94
CA SER A 223 19.60 -14.64 19.75
C SER A 223 18.93 -15.72 20.58
N SER A 224 19.71 -16.73 20.95
CA SER A 224 19.22 -17.77 21.82
C SER A 224 19.18 -17.28 23.27
N THR A 225 18.45 -18.02 24.10
CA THR A 225 18.29 -17.68 25.51
C THR A 225 18.81 -18.82 26.40
#